data_32C2
#
_entry.id   32C2
#
_cell.length_a   154.890
_cell.length_b   73.510
_cell.length_c   36.900
_cell.angle_alpha   90.00
_cell.angle_beta   90.00
_cell.angle_gamma   90.00
#
_symmetry.space_group_name_H-M   'P 21 21 21'
#
loop_
_entity.id
_entity.type
_entity.pdbx_description
1 polymer 'IGG1 ANTIBODY 32C2'
2 polymer 'IGG1 ANTIBODY 32C2'
#
loop_
_entity_poly.entity_id
_entity_poly.type
_entity_poly.pdbx_seq_one_letter_code
_entity_poly.pdbx_strand_id
1 'polypeptide(L)'
;DIVLTQSPASLAVSLGQRATISCRASKSVSTSGYGYMHWNQQKPGQPPRLLIYLVSNLESGVPARFSGSGSGTDFTLNIH
PVEEEDAATYYCQHIREPLTFGGGTKLEIKRADAAPTVSIFPPSSEQLTSGGASVVCFLNNFYPKDINVKWKIDGSERQN
GVLNSWTDQDSKDSTYSMSSTLTLTKDEYERHNSYTCEATHKTSTSPIVKSFNRNEC
;
A
2 'polypeptide(L)'
;DVQLQESGPGLVKPSQSLSLTCTVTGYSISSDYAWNWIRQFPGNKLEWMGYISYSGSTSYNPSLKSRISITRDTSKNQFF
LQLSSVTTEDTATYYCARGYYGSSHSPVWGAGTTVTVSSAKTTPPPVYPLVPGSLAQTNSMVTLGCLVKGYFPEPVTVTW
NSGSLSSGVHTFPAVLQSDLYTLSSSVTVPSSTWPSETVTCNVAHPASSTKVDKKIEP
;
B
#
# COMPACT_ATOMS: atom_id res chain seq x y z
N ASP A 1 -23.43 -15.00 -6.83
CA ASP A 1 -22.74 -16.15 -6.16
C ASP A 1 -21.71 -16.77 -7.11
N ILE A 2 -21.56 -16.18 -8.28
CA ILE A 2 -20.59 -16.68 -9.25
C ILE A 2 -19.14 -16.36 -8.85
N VAL A 3 -18.39 -17.41 -8.55
CA VAL A 3 -17.01 -17.28 -8.10
C VAL A 3 -16.00 -17.28 -9.24
N LEU A 4 -14.75 -16.98 -8.90
CA LEU A 4 -13.67 -16.97 -9.87
C LEU A 4 -12.33 -17.34 -9.25
N THR A 5 -12.37 -18.04 -8.12
CA THR A 5 -11.18 -18.49 -7.40
C THR A 5 -9.96 -18.61 -8.32
N GLN A 6 -8.91 -17.87 -7.98
CA GLN A 6 -7.68 -17.84 -8.76
C GLN A 6 -6.54 -18.52 -7.99
N SER A 7 -5.59 -19.10 -8.72
CA SER A 7 -4.44 -19.79 -8.11
C SER A 7 -3.26 -19.84 -9.06
N PRO A 8 -2.03 -19.85 -8.52
CA PRO A 8 -1.70 -19.80 -7.09
C PRO A 8 -1.94 -18.44 -6.47
N ALA A 9 -1.60 -18.31 -5.20
CA ALA A 9 -1.81 -17.05 -4.49
C ALA A 9 -0.58 -16.13 -4.55
N SER A 10 0.59 -16.69 -4.26
CA SER A 10 1.84 -15.92 -4.29
C SER A 10 2.65 -16.50 -5.43
N LEU A 11 3.92 -16.12 -5.52
CA LEU A 11 4.77 -16.65 -6.57
C LEU A 11 6.18 -16.04 -6.68
N ALA A 12 7.19 -16.88 -6.51
CA ALA A 12 8.61 -16.45 -6.59
C ALA A 12 9.26 -16.99 -7.86
N VAL A 13 9.76 -16.09 -8.70
CA VAL A 13 10.41 -16.49 -9.93
C VAL A 13 11.59 -15.56 -10.19
N SER A 14 12.34 -15.80 -11.26
CA SER A 14 13.49 -14.97 -11.60
C SER A 14 13.36 -14.39 -13.01
N LEU A 15 14.09 -13.32 -13.29
CA LEU A 15 14.04 -12.69 -14.63
C LEU A 15 13.86 -13.75 -15.71
N GLY A 16 12.70 -13.77 -16.34
CA GLY A 16 12.44 -14.76 -17.37
C GLY A 16 11.92 -16.03 -16.74
N GLN A 17 10.67 -16.37 -17.03
CA GLN A 17 10.05 -17.57 -16.49
C GLN A 17 8.59 -17.62 -16.93
N ARG A 18 8.10 -18.82 -17.22
CA ARG A 18 6.72 -18.97 -17.65
C ARG A 18 5.76 -18.70 -16.51
N ALA A 19 5.35 -17.45 -16.38
CA ALA A 19 4.40 -17.07 -15.35
C ALA A 19 3.05 -17.26 -16.01
N THR A 20 2.42 -18.42 -15.75
CA THR A 20 1.10 -18.73 -16.30
C THR A 20 0.14 -19.14 -15.18
N ILE A 21 -0.93 -18.36 -15.00
CA ILE A 21 -1.92 -18.61 -13.96
C ILE A 21 -3.33 -18.88 -14.51
N SER A 22 -4.20 -19.37 -13.64
CA SER A 22 -5.56 -19.67 -14.04
C SER A 22 -6.64 -19.17 -13.08
N CYS A 23 -7.78 -18.82 -13.66
CA CYS A 23 -8.95 -18.35 -12.92
C CYS A 23 -10.11 -19.24 -13.35
N ARG A 24 -10.65 -20.02 -12.41
CA ARG A 24 -11.76 -20.93 -12.71
C ARG A 24 -13.06 -20.59 -11.99
N ALA A 25 -14.07 -20.25 -12.79
CA ALA A 25 -15.39 -19.87 -12.30
C ALA A 25 -16.26 -21.00 -11.78
N SER A 26 -17.57 -20.79 -11.95
CA SER A 26 -18.60 -21.74 -11.56
C SER A 26 -19.71 -21.52 -12.59
N LYS A 27 -19.28 -21.22 -13.82
CA LYS A 27 -20.16 -20.97 -14.96
C LYS A 27 -19.31 -20.49 -16.14
N SER A 28 -19.97 -20.10 -17.24
CA SER A 28 -19.24 -19.60 -18.39
C SER A 28 -19.23 -18.08 -18.33
N VAL A 29 -18.26 -17.46 -18.99
CA VAL A 29 -18.16 -16.01 -18.98
C VAL A 29 -17.45 -15.52 -20.23
N SER A 30 -16.95 -16.46 -21.02
CA SER A 30 -16.24 -16.09 -22.24
C SER A 30 -17.21 -16.11 -23.41
N THR A 31 -17.96 -17.19 -23.54
CA THR A 31 -18.92 -17.32 -24.64
C THR A 31 -20.37 -17.41 -24.20
N SER A 32 -21.05 -16.27 -24.24
CA SER A 32 -22.46 -16.16 -23.87
C SER A 32 -23.02 -14.78 -24.24
N GLY A 33 -22.36 -14.11 -25.19
CA GLY A 33 -22.80 -12.78 -25.62
C GLY A 33 -21.66 -11.81 -25.83
N TYR A 34 -21.53 -10.85 -24.92
CA TYR A 34 -20.46 -9.84 -24.97
C TYR A 34 -19.50 -10.09 -23.80
N GLY A 35 -20.00 -10.72 -22.74
CA GLY A 35 -19.19 -11.00 -21.58
C GLY A 35 -18.02 -11.95 -21.83
N TYR A 36 -16.84 -11.53 -21.41
CA TYR A 36 -15.63 -12.33 -21.56
C TYR A 36 -14.83 -12.31 -20.26
N MET A 37 -13.74 -11.56 -20.24
CA MET A 37 -12.88 -11.48 -19.05
C MET A 37 -11.89 -10.34 -19.17
N HIS A 38 -10.86 -10.38 -18.32
CA HIS A 38 -9.82 -9.36 -18.30
C HIS A 38 -8.87 -9.58 -17.13
N TRP A 39 -7.61 -9.21 -17.34
CA TRP A 39 -6.61 -9.33 -16.30
C TRP A 39 -5.94 -7.96 -16.17
N ASN A 40 -6.10 -7.36 -14.99
CA ASN A 40 -5.50 -6.08 -14.71
C ASN A 40 -4.33 -6.34 -13.76
N GLN A 41 -3.60 -5.29 -13.42
CA GLN A 41 -2.48 -5.44 -12.54
C GLN A 41 -2.35 -4.15 -11.77
N GLN A 42 -1.53 -4.15 -10.73
CA GLN A 42 -1.36 -2.92 -10.00
C GLN A 42 -0.13 -2.92 -9.10
N LYS A 43 0.69 -1.90 -9.30
CA LYS A 43 1.91 -1.70 -8.53
C LYS A 43 1.47 -1.19 -7.16
N PRO A 44 1.97 -1.79 -6.06
CA PRO A 44 1.55 -1.31 -4.73
C PRO A 44 1.66 0.20 -4.60
N GLY A 45 0.55 0.88 -4.88
CA GLY A 45 0.53 2.33 -4.80
C GLY A 45 -0.22 3.01 -5.94
N GLN A 46 -0.93 2.24 -6.76
CA GLN A 46 -1.69 2.79 -7.88
C GLN A 46 -2.83 1.86 -8.28
N PRO A 47 -3.97 2.41 -8.72
CA PRO A 47 -5.11 1.57 -9.13
C PRO A 47 -4.78 0.73 -10.37
N PRO A 48 -5.40 -0.44 -10.50
CA PRO A 48 -5.15 -1.32 -11.64
C PRO A 48 -5.10 -0.64 -12.99
N ARG A 49 -4.60 -1.38 -13.97
CA ARG A 49 -4.46 -0.92 -15.34
C ARG A 49 -4.95 -2.05 -16.25
N LEU A 50 -5.22 -1.72 -17.51
CA LEU A 50 -5.68 -2.74 -18.46
C LEU A 50 -4.50 -3.49 -19.04
N LEU A 51 -4.71 -4.77 -19.30
CA LEU A 51 -3.69 -5.64 -19.86
C LEU A 51 -4.37 -6.51 -20.88
N ILE A 52 -5.51 -7.08 -20.48
CA ILE A 52 -6.27 -7.96 -21.35
C ILE A 52 -7.75 -7.53 -21.38
N TYR A 53 -8.51 -8.18 -22.25
CA TYR A 53 -9.94 -7.95 -22.40
C TYR A 53 -10.48 -8.89 -23.47
N LEU A 54 -11.75 -9.21 -23.38
CA LEU A 54 -12.38 -10.12 -24.32
C LEU A 54 -11.77 -11.52 -24.22
N VAL A 55 -11.07 -11.77 -23.12
CA VAL A 55 -10.43 -13.07 -22.85
C VAL A 55 -9.00 -13.25 -23.37
N SER A 56 -8.75 -12.84 -24.62
CA SER A 56 -7.43 -12.99 -25.20
C SER A 56 -7.15 -11.88 -26.20
N ASN A 57 -7.26 -10.63 -25.77
CA ASN A 57 -7.03 -9.52 -26.68
C ASN A 57 -6.14 -8.43 -26.07
N LEU A 58 -4.83 -8.68 -26.07
CA LEU A 58 -3.85 -7.75 -25.50
C LEU A 58 -4.21 -6.29 -25.73
N GLU A 59 -3.78 -5.43 -24.81
CA GLU A 59 -4.05 -4.01 -24.89
C GLU A 59 -2.94 -3.32 -25.65
N SER A 60 -3.13 -2.04 -25.94
CA SER A 60 -2.12 -1.27 -26.66
C SER A 60 -0.93 -1.03 -25.75
N GLY A 61 -1.08 -1.42 -24.48
CA GLY A 61 -0.01 -1.25 -23.52
C GLY A 61 1.30 -1.84 -24.01
N VAL A 62 1.61 -3.06 -23.59
CA VAL A 62 2.82 -3.76 -24.00
C VAL A 62 2.63 -5.28 -24.01
N PRO A 63 1.89 -5.78 -25.01
CA PRO A 63 1.59 -7.20 -25.18
C PRO A 63 2.83 -8.07 -25.45
N ALA A 64 2.63 -9.15 -26.21
CA ALA A 64 3.70 -10.08 -26.57
C ALA A 64 4.17 -10.90 -25.39
N ARG A 65 4.50 -10.21 -24.31
CA ARG A 65 4.98 -10.84 -23.09
C ARG A 65 3.76 -11.47 -22.39
N PHE A 66 2.80 -10.64 -22.00
CA PHE A 66 1.58 -11.10 -21.34
C PHE A 66 0.65 -11.64 -22.40
N SER A 67 -0.10 -12.69 -22.09
CA SER A 67 -1.01 -13.26 -23.07
C SER A 67 -2.20 -13.91 -22.41
N GLY A 68 -3.38 -13.68 -22.99
CA GLY A 68 -4.61 -14.25 -22.46
C GLY A 68 -5.02 -15.49 -23.21
N SER A 69 -5.58 -16.46 -22.48
CA SER A 69 -6.02 -17.71 -23.09
C SER A 69 -7.15 -18.42 -22.33
N GLY A 70 -7.56 -19.57 -22.85
CA GLY A 70 -8.64 -20.31 -22.24
C GLY A 70 -9.92 -19.53 -22.42
N SER A 71 -11.07 -20.20 -22.38
CA SER A 71 -12.34 -19.51 -22.53
C SER A 71 -13.52 -20.32 -22.04
N GLY A 72 -14.66 -19.64 -21.89
CA GLY A 72 -15.86 -20.30 -21.42
C GLY A 72 -15.90 -20.44 -19.91
N THR A 73 -14.99 -21.23 -19.35
CA THR A 73 -14.95 -21.43 -17.91
C THR A 73 -13.58 -21.15 -17.30
N ASP A 74 -12.58 -21.91 -17.72
CA ASP A 74 -11.22 -21.74 -17.18
C ASP A 74 -10.32 -20.97 -18.16
N PHE A 75 -9.64 -19.94 -17.65
CA PHE A 75 -8.76 -19.11 -18.47
C PHE A 75 -7.33 -19.13 -17.92
N THR A 76 -6.37 -18.58 -18.66
CA THR A 76 -4.98 -18.53 -18.20
C THR A 76 -4.16 -17.36 -18.75
N LEU A 77 -3.55 -16.60 -17.83
CA LEU A 77 -2.71 -15.44 -18.17
C LEU A 77 -1.29 -15.97 -18.31
N ASN A 78 -0.56 -15.49 -19.31
CA ASN A 78 0.80 -15.97 -19.51
C ASN A 78 1.82 -14.95 -19.95
N ILE A 79 2.87 -14.80 -19.15
CA ILE A 79 3.98 -13.89 -19.44
C ILE A 79 5.23 -14.75 -19.40
N HIS A 80 6.03 -14.70 -20.46
CA HIS A 80 7.23 -15.51 -20.56
C HIS A 80 8.50 -14.91 -19.93
N PRO A 81 8.97 -13.75 -20.43
CA PRO A 81 10.17 -13.21 -19.79
C PRO A 81 9.77 -12.27 -18.66
N VAL A 82 9.52 -12.83 -17.48
CA VAL A 82 9.11 -12.09 -16.29
C VAL A 82 9.93 -10.83 -16.06
N GLU A 83 9.60 -9.76 -16.78
CA GLU A 83 10.30 -8.50 -16.65
C GLU A 83 10.39 -8.12 -15.18
N GLU A 84 11.44 -7.40 -14.82
CA GLU A 84 11.66 -6.98 -13.45
C GLU A 84 10.53 -6.18 -12.81
N GLU A 85 10.16 -5.07 -13.45
CA GLU A 85 9.10 -4.21 -12.93
C GLU A 85 7.73 -4.90 -12.88
N ASP A 86 7.61 -6.00 -13.62
CA ASP A 86 6.35 -6.75 -13.65
C ASP A 86 5.81 -7.05 -12.25
N ALA A 87 6.67 -6.96 -11.24
CA ALA A 87 6.26 -7.22 -9.87
C ALA A 87 4.98 -6.45 -9.63
N ALA A 88 3.96 -7.14 -9.14
CA ALA A 88 2.67 -6.52 -8.86
C ALA A 88 1.70 -7.59 -8.44
N THR A 89 0.42 -7.25 -8.41
CA THR A 89 -0.61 -8.21 -8.04
C THR A 89 -1.52 -8.37 -9.27
N TYR A 90 -1.82 -9.61 -9.63
CA TYR A 90 -2.66 -9.83 -10.80
C TYR A 90 -4.06 -10.31 -10.47
N TYR A 91 -5.04 -9.72 -11.15
CA TYR A 91 -6.45 -10.01 -10.93
C TYR A 91 -7.18 -10.42 -12.20
N CYS A 92 -8.31 -11.10 -12.01
CA CYS A 92 -9.16 -11.53 -13.11
C CYS A 92 -10.62 -11.21 -12.73
N GLN A 93 -11.41 -10.73 -13.69
CA GLN A 93 -12.81 -10.41 -13.43
C GLN A 93 -13.68 -10.83 -14.59
N HIS A 94 -14.93 -11.18 -14.30
CA HIS A 94 -15.86 -11.61 -15.35
C HIS A 94 -16.96 -10.57 -15.53
N ILE A 95 -17.97 -10.96 -16.29
CA ILE A 95 -19.12 -10.11 -16.55
C ILE A 95 -20.40 -10.87 -16.92
N ARG A 96 -21.10 -11.34 -15.89
CA ARG A 96 -22.37 -12.07 -16.02
C ARG A 96 -23.25 -11.52 -14.89
N GLU A 97 -22.80 -10.40 -14.31
CA GLU A 97 -23.47 -9.68 -13.23
C GLU A 97 -24.04 -10.52 -12.07
N PRO A 98 -23.68 -10.16 -10.82
CA PRO A 98 -22.79 -9.08 -10.37
C PRO A 98 -21.33 -9.38 -10.68
N LEU A 99 -20.71 -8.54 -11.50
CA LEU A 99 -19.33 -8.73 -11.91
C LEU A 99 -18.37 -8.99 -10.72
N THR A 100 -17.90 -10.22 -10.60
CA THR A 100 -17.01 -10.61 -9.49
C THR A 100 -15.52 -10.77 -9.85
N PHE A 101 -14.64 -10.57 -8.86
CA PHE A 101 -13.18 -10.66 -9.05
C PHE A 101 -12.48 -11.88 -8.46
N GLY A 102 -11.36 -12.25 -9.07
CA GLY A 102 -10.58 -13.38 -8.60
C GLY A 102 -9.59 -12.98 -7.50
N GLY A 103 -9.37 -13.90 -6.57
CA GLY A 103 -8.46 -13.67 -5.46
C GLY A 103 -7.27 -12.75 -5.67
N GLY A 104 -6.45 -13.05 -6.67
CA GLY A 104 -5.30 -12.21 -6.96
C GLY A 104 -3.98 -12.87 -6.58
N THR A 105 -2.96 -12.69 -7.42
CA THR A 105 -1.65 -13.28 -7.18
C THR A 105 -0.54 -12.28 -6.98
N LYS A 106 0.21 -12.44 -5.89
CA LYS A 106 1.33 -11.56 -5.60
C LYS A 106 2.55 -12.19 -6.27
N LEU A 107 3.25 -11.38 -7.05
CA LEU A 107 4.40 -11.81 -7.81
C LEU A 107 5.67 -11.07 -7.39
N GLU A 108 6.55 -11.76 -6.67
CA GLU A 108 7.79 -11.16 -6.20
C GLU A 108 8.97 -11.92 -6.81
N ILE A 109 9.85 -11.18 -7.49
CA ILE A 109 11.02 -11.81 -8.11
C ILE A 109 12.10 -12.17 -7.10
N LYS A 110 12.83 -13.23 -7.43
CA LYS A 110 13.91 -13.73 -6.61
C LYS A 110 15.21 -13.11 -7.06
N ARG A 111 16.12 -12.89 -6.10
CA ARG A 111 17.41 -12.29 -6.38
C ARG A 111 18.49 -12.86 -5.47
N ALA A 112 19.69 -12.27 -5.47
CA ALA A 112 20.77 -12.77 -4.64
C ALA A 112 20.62 -12.36 -3.17
N ASP A 113 21.13 -13.18 -2.26
CA ASP A 113 21.05 -12.86 -0.83
C ASP A 113 21.62 -11.45 -0.60
N ALA A 114 21.36 -10.90 0.58
CA ALA A 114 21.84 -9.57 0.91
C ALA A 114 21.63 -9.33 2.40
N ALA A 115 22.72 -9.04 3.09
CA ALA A 115 22.69 -8.79 4.52
C ALA A 115 22.09 -7.44 4.77
N PRO A 116 21.24 -7.33 5.78
CA PRO A 116 20.63 -6.04 6.06
C PRO A 116 21.62 -5.06 6.69
N THR A 117 21.47 -3.80 6.34
CA THR A 117 22.31 -2.77 6.89
C THR A 117 21.53 -2.28 8.10
N VAL A 118 21.93 -2.74 9.27
CA VAL A 118 21.25 -2.37 10.51
C VAL A 118 21.81 -1.07 11.08
N SER A 119 20.91 -0.26 11.63
CA SER A 119 21.28 1.00 12.26
C SER A 119 20.30 1.22 13.38
N ILE A 120 20.81 1.56 14.55
CA ILE A 120 19.91 1.76 15.68
C ILE A 120 19.78 3.26 15.96
N PHE A 121 18.65 3.64 16.57
CA PHE A 121 18.36 5.04 16.86
C PHE A 121 17.78 5.33 18.23
N PRO A 122 18.51 6.10 19.06
CA PRO A 122 18.04 6.44 20.40
C PRO A 122 16.84 7.38 20.33
N PRO A 123 16.02 7.40 21.38
CA PRO A 123 14.84 8.27 21.44
C PRO A 123 15.17 9.73 21.24
N SER A 124 14.31 10.39 20.47
CA SER A 124 14.44 11.81 20.20
C SER A 124 14.29 12.56 21.50
N SER A 125 14.98 13.69 21.62
CA SER A 125 14.91 14.49 22.82
C SER A 125 13.49 14.98 23.05
N GLU A 126 12.91 15.55 22.01
CA GLU A 126 11.56 16.08 22.07
C GLU A 126 10.58 15.03 22.57
N GLN A 127 10.93 13.76 22.41
CA GLN A 127 10.06 12.68 22.83
C GLN A 127 10.23 12.39 24.29
N LEU A 128 11.44 12.01 24.67
CA LEU A 128 11.75 11.70 26.05
C LEU A 128 11.01 12.68 26.95
N THR A 129 11.13 13.97 26.64
CA THR A 129 10.47 15.00 27.42
C THR A 129 8.95 15.04 27.21
N SER A 130 8.35 13.86 27.08
CA SER A 130 6.90 13.77 26.89
C SER A 130 6.41 12.44 27.44
N GLY A 131 7.21 11.87 28.33
CA GLY A 131 6.88 10.60 28.98
C GLY A 131 6.98 9.44 28.03
N GLY A 132 7.14 9.77 26.76
CA GLY A 132 7.25 8.74 25.74
C GLY A 132 8.69 8.65 25.32
N ALA A 133 9.14 7.43 25.14
CA ALA A 133 10.51 7.17 24.71
C ALA A 133 10.43 5.92 23.86
N SER A 134 10.79 6.01 22.59
CA SER A 134 10.74 4.85 21.73
C SER A 134 12.00 4.63 20.91
N VAL A 135 12.60 3.45 21.05
CA VAL A 135 13.80 3.13 20.31
C VAL A 135 13.40 2.54 18.99
N VAL A 136 14.13 2.89 17.93
CA VAL A 136 13.84 2.37 16.59
C VAL A 136 15.04 1.60 16.07
N CYS A 137 14.81 0.69 15.13
CA CYS A 137 15.90 -0.10 14.57
C CYS A 137 15.52 -0.41 13.11
N PHE A 138 16.39 0.00 12.18
CA PHE A 138 16.20 -0.21 10.76
C PHE A 138 17.02 -1.36 10.18
N LEU A 139 16.44 -2.05 9.22
CA LEU A 139 17.13 -3.15 8.56
C LEU A 139 16.87 -2.89 7.10
N ASN A 140 17.86 -2.32 6.42
CA ASN A 140 17.67 -1.95 5.02
C ASN A 140 18.33 -2.79 3.93
N ASN A 141 17.57 -2.94 2.84
CA ASN A 141 17.97 -3.64 1.62
C ASN A 141 18.48 -5.06 1.77
N PHE A 142 17.67 -5.89 2.40
CA PHE A 142 18.05 -7.26 2.57
C PHE A 142 17.10 -8.13 1.77
N TYR A 143 17.46 -9.40 1.67
CA TYR A 143 16.67 -10.40 0.96
C TYR A 143 17.41 -11.69 1.24
N PRO A 144 16.67 -12.77 1.49
CA PRO A 144 15.20 -12.85 1.54
C PRO A 144 14.56 -12.11 2.70
N LYS A 145 13.24 -11.92 2.59
CA LYS A 145 12.43 -11.23 3.60
C LYS A 145 12.42 -11.98 4.93
N ASP A 146 12.56 -13.30 4.87
CA ASP A 146 12.58 -14.12 6.09
C ASP A 146 13.66 -13.55 7.00
N ILE A 147 13.29 -13.15 8.21
CA ILE A 147 14.28 -12.61 9.13
C ILE A 147 13.74 -12.38 10.51
N ASN A 148 14.41 -12.92 11.51
CA ASN A 148 13.94 -12.70 12.87
C ASN A 148 14.75 -11.58 13.50
N VAL A 149 14.13 -10.83 14.39
CA VAL A 149 14.77 -9.70 15.05
C VAL A 149 14.42 -9.70 16.53
N LYS A 150 15.28 -9.14 17.37
CA LYS A 150 15.00 -9.09 18.80
C LYS A 150 15.79 -8.04 19.58
N TRP A 151 15.14 -7.49 20.60
CA TRP A 151 15.78 -6.49 21.44
C TRP A 151 16.22 -7.09 22.76
N LYS A 152 17.30 -6.54 23.31
CA LYS A 152 17.84 -6.99 24.59
C LYS A 152 18.09 -5.79 25.52
N ILE A 153 17.06 -5.38 26.25
CA ILE A 153 17.22 -4.28 27.19
C ILE A 153 18.14 -4.77 28.29
N ASP A 154 19.29 -4.11 28.46
CA ASP A 154 20.25 -4.52 29.48
C ASP A 154 20.53 -6.01 29.46
N GLY A 155 20.52 -6.61 28.28
CA GLY A 155 20.80 -8.02 28.20
C GLY A 155 19.59 -8.92 28.03
N SER A 156 18.54 -8.68 28.80
CA SER A 156 17.35 -9.53 28.68
C SER A 156 16.54 -9.27 27.41
N GLU A 157 15.75 -10.27 27.02
CA GLU A 157 14.94 -10.16 25.82
C GLU A 157 13.63 -9.43 26.10
N ARG A 158 13.18 -8.63 25.13
CA ARG A 158 11.94 -7.88 25.26
C ARG A 158 10.93 -8.37 24.23
N GLN A 159 9.82 -8.89 24.72
CA GLN A 159 8.81 -9.42 23.84
C GLN A 159 7.77 -8.42 23.38
N ASN A 160 6.76 -8.17 24.19
CA ASN A 160 5.69 -7.24 23.81
C ASN A 160 6.13 -5.79 23.88
N GLY A 161 5.47 -4.97 23.08
CA GLY A 161 5.79 -3.55 23.05
C GLY A 161 6.56 -3.17 21.80
N VAL A 162 6.65 -4.09 20.85
CA VAL A 162 7.37 -3.80 19.63
C VAL A 162 6.48 -3.95 18.41
N LEU A 163 6.68 -3.06 17.45
CA LEU A 163 5.90 -3.06 16.23
C LEU A 163 6.83 -3.11 15.02
N ASN A 164 6.72 -4.19 14.27
CA ASN A 164 7.54 -4.36 13.09
C ASN A 164 6.75 -3.98 11.85
N SER A 165 7.45 -3.64 10.77
CA SER A 165 6.81 -3.29 9.52
C SER A 165 7.77 -3.40 8.34
N TRP A 166 7.32 -4.09 7.29
CA TRP A 166 8.13 -4.31 6.10
C TRP A 166 7.66 -3.46 4.92
N THR A 167 8.58 -3.16 4.02
CA THR A 167 8.27 -2.40 2.82
C THR A 167 8.23 -3.48 1.76
N ASP A 168 7.35 -3.38 0.78
CA ASP A 168 7.34 -4.43 -0.21
C ASP A 168 8.53 -4.22 -1.12
N GLN A 169 8.84 -5.25 -1.91
CA GLN A 169 9.99 -5.18 -2.80
C GLN A 169 9.88 -4.03 -3.80
N ASP A 170 11.03 -3.50 -4.22
CA ASP A 170 11.03 -2.40 -5.18
C ASP A 170 11.66 -2.78 -6.51
N SER A 171 11.38 -1.99 -7.54
CA SER A 171 11.93 -2.25 -8.86
C SER A 171 13.44 -2.06 -8.93
N LYS A 172 13.92 -0.96 -8.38
CA LYS A 172 15.35 -0.68 -8.37
C LYS A 172 16.15 -1.94 -8.04
N ASP A 173 16.31 -2.22 -6.75
CA ASP A 173 17.05 -3.39 -6.32
C ASP A 173 16.15 -4.31 -5.51
N SER A 174 15.58 -5.30 -6.18
CA SER A 174 14.66 -6.28 -5.60
C SER A 174 15.01 -6.70 -4.19
N THR A 175 14.72 -5.83 -3.22
CA THR A 175 15.02 -6.12 -1.84
C THR A 175 13.93 -5.70 -0.89
N TYR A 176 14.16 -6.01 0.38
CA TYR A 176 13.23 -5.70 1.42
C TYR A 176 13.89 -4.82 2.47
N SER A 177 13.07 -4.11 3.22
CA SER A 177 13.52 -3.23 4.29
C SER A 177 12.45 -3.33 5.36
N MET A 178 12.88 -3.56 6.58
CA MET A 178 11.95 -3.71 7.67
C MET A 178 12.33 -2.73 8.76
N SER A 179 11.36 -2.33 9.55
CA SER A 179 11.60 -1.38 10.60
C SER A 179 10.97 -1.84 11.91
N SER A 180 11.81 -1.92 12.96
CA SER A 180 11.40 -2.37 14.30
C SER A 180 11.42 -1.20 15.31
N THR A 181 10.36 -1.10 16.09
CA THR A 181 10.24 -0.01 17.05
C THR A 181 9.77 -0.39 18.43
N LEU A 182 10.73 -0.67 19.31
CA LEU A 182 10.42 -1.01 20.69
C LEU A 182 10.01 0.27 21.39
N THR A 183 8.82 0.27 21.96
CA THR A 183 8.33 1.43 22.69
C THR A 183 8.23 1.16 24.17
N LEU A 184 8.32 2.22 24.95
CA LEU A 184 8.24 2.11 26.39
C LEU A 184 8.06 3.51 26.96
N THR A 185 8.23 3.67 28.26
CA THR A 185 8.05 4.98 28.85
C THR A 185 9.35 5.66 29.24
N LYS A 186 9.31 6.97 29.36
CA LYS A 186 10.46 7.77 29.74
C LYS A 186 11.11 7.16 30.98
N ASP A 187 10.26 6.78 31.94
CA ASP A 187 10.74 6.19 33.18
C ASP A 187 11.56 4.94 32.93
N GLU A 188 10.88 3.80 32.81
CA GLU A 188 11.59 2.55 32.59
C GLU A 188 12.79 2.71 31.63
N TYR A 189 12.69 3.59 30.65
CA TYR A 189 13.79 3.77 29.72
C TYR A 189 15.06 4.14 30.48
N GLU A 190 15.03 5.30 31.13
CA GLU A 190 16.19 5.78 31.88
C GLU A 190 16.55 4.82 33.00
N ARG A 191 15.66 3.85 33.24
CA ARG A 191 15.87 2.85 34.29
C ARG A 191 16.90 1.82 33.84
N HIS A 192 17.22 1.81 32.55
CA HIS A 192 18.21 0.87 32.02
C HIS A 192 19.37 1.56 31.34
N ASN A 193 20.32 0.77 30.85
CA ASN A 193 21.51 1.35 30.24
C ASN A 193 21.72 1.10 28.76
N SER A 194 21.96 -0.15 28.39
CA SER A 194 22.21 -0.47 26.99
C SER A 194 20.98 -0.91 26.25
N TYR A 195 20.92 -0.60 24.96
CA TYR A 195 19.80 -0.96 24.10
C TYR A 195 20.28 -1.63 22.82
N THR A 196 20.02 -2.92 22.72
CA THR A 196 20.46 -3.73 21.60
C THR A 196 19.35 -4.27 20.72
N CYS A 197 19.60 -4.34 19.42
CA CYS A 197 18.62 -4.97 18.53
C CYS A 197 19.40 -5.93 17.67
N GLU A 198 19.15 -7.20 17.90
CA GLU A 198 19.83 -8.25 17.16
C GLU A 198 18.95 -8.78 16.04
N ALA A 199 19.58 -9.05 14.91
CA ALA A 199 18.87 -9.58 13.76
C ALA A 199 19.51 -10.90 13.31
N THR A 200 18.67 -11.86 12.94
CA THR A 200 19.15 -13.14 12.45
C THR A 200 18.64 -13.22 11.02
N HIS A 201 19.55 -13.45 10.09
CA HIS A 201 19.19 -13.56 8.68
C HIS A 201 19.93 -14.82 8.23
N LYS A 202 19.57 -15.34 7.06
CA LYS A 202 20.24 -16.55 6.58
C LYS A 202 21.59 -16.22 5.97
N THR A 203 21.83 -14.92 5.79
CA THR A 203 23.06 -14.42 5.21
C THR A 203 24.25 -14.51 6.18
N SER A 204 23.96 -14.78 7.45
CA SER A 204 25.02 -14.86 8.44
C SER A 204 24.63 -15.66 9.67
N THR A 205 25.30 -16.79 9.85
CA THR A 205 25.05 -17.68 10.99
C THR A 205 24.96 -16.87 12.26
N SER A 206 25.99 -16.04 12.45
CA SER A 206 26.08 -15.17 13.61
C SER A 206 25.16 -13.95 13.47
N PRO A 207 24.35 -13.70 14.49
CA PRO A 207 23.42 -12.58 14.52
C PRO A 207 24.06 -11.20 14.41
N ILE A 208 23.47 -10.38 13.54
CA ILE A 208 23.93 -9.02 13.30
C ILE A 208 23.57 -8.17 14.51
N VAL A 209 24.55 -7.64 15.21
CA VAL A 209 24.23 -6.83 16.41
C VAL A 209 24.61 -5.33 16.38
N LYS A 210 23.67 -4.48 16.76
CA LYS A 210 23.91 -3.05 16.84
C LYS A 210 23.16 -2.60 18.08
N SER A 211 23.85 -1.92 18.98
CA SER A 211 23.23 -1.50 20.22
C SER A 211 23.96 -0.29 20.79
N PHE A 212 23.54 0.13 21.97
CA PHE A 212 24.20 1.27 22.60
C PHE A 212 23.79 1.48 24.04
N ASN A 213 24.74 2.01 24.81
CA ASN A 213 24.54 2.31 26.22
C ASN A 213 24.35 3.82 26.29
N ARG A 214 23.93 4.33 27.45
CA ARG A 214 23.76 5.76 27.58
C ARG A 214 25.07 6.39 28.11
N ASN A 215 26.13 6.29 27.31
CA ASN A 215 27.42 6.86 27.69
C ASN A 215 27.62 8.17 26.93
N GLU A 216 26.94 9.22 27.39
CA GLU A 216 26.99 10.55 26.78
C GLU A 216 26.10 11.56 27.51
N CYS A 217 25.20 11.03 28.35
CA CYS A 217 24.24 11.85 29.12
C CYS A 217 24.80 13.20 29.58
N ASP B 1 -8.83 11.50 -23.43
CA ASP B 1 -8.55 12.30 -22.20
C ASP B 1 -9.58 11.99 -21.12
N VAL B 2 -10.12 10.78 -21.18
CA VAL B 2 -11.13 10.33 -20.22
C VAL B 2 -10.58 10.32 -18.80
N GLN B 3 -10.57 11.48 -18.17
CA GLN B 3 -10.08 11.60 -16.80
C GLN B 3 -11.21 11.56 -15.79
N LEU B 4 -11.14 10.60 -14.89
CA LEU B 4 -12.16 10.45 -13.87
C LEU B 4 -11.49 10.26 -12.54
N GLN B 5 -11.73 11.18 -11.62
CA GLN B 5 -11.13 11.10 -10.30
C GLN B 5 -12.19 11.32 -9.22
N GLU B 6 -12.23 10.40 -8.26
CA GLU B 6 -13.19 10.47 -7.17
C GLU B 6 -12.73 11.37 -6.03
N SER B 7 -13.71 11.94 -5.34
CA SER B 7 -13.49 12.83 -4.22
C SER B 7 -14.62 12.62 -3.22
N GLY B 8 -14.30 12.68 -1.94
CA GLY B 8 -15.30 12.52 -0.91
C GLY B 8 -14.62 12.78 0.40
N PRO B 9 -15.17 12.32 1.53
CA PRO B 9 -14.49 12.55 2.81
C PRO B 9 -13.47 11.43 2.96
N GLY B 10 -12.92 11.26 4.16
CA GLY B 10 -11.93 10.21 4.34
C GLY B 10 -12.21 9.41 5.58
N LEU B 11 -12.80 10.07 6.57
CA LEU B 11 -13.12 9.44 7.84
C LEU B 11 -14.58 9.69 8.20
N VAL B 12 -15.30 8.64 8.58
CA VAL B 12 -16.71 8.79 8.95
C VAL B 12 -17.13 7.86 10.07
N LYS B 13 -18.08 8.33 10.87
CA LYS B 13 -18.59 7.56 12.00
C LYS B 13 -19.49 6.47 11.49
N PRO B 14 -19.27 5.23 11.95
CA PRO B 14 -20.08 4.10 11.51
C PRO B 14 -21.58 4.35 11.65
N SER B 15 -22.38 3.50 11.02
CA SER B 15 -23.83 3.58 11.06
C SER B 15 -24.30 4.96 10.66
N GLN B 16 -23.66 5.49 9.62
CA GLN B 16 -24.00 6.80 9.10
C GLN B 16 -24.06 6.62 7.60
N SER B 17 -24.12 7.72 6.84
CA SER B 17 -24.17 7.61 5.39
C SER B 17 -22.93 8.18 4.71
N LEU B 18 -22.29 7.35 3.90
CA LEU B 18 -21.10 7.74 3.16
C LEU B 18 -21.62 8.07 1.76
N SER B 19 -21.05 9.11 1.15
CA SER B 19 -21.51 9.46 -0.17
C SER B 19 -20.47 10.28 -0.85
N LEU B 20 -19.85 9.69 -1.86
CA LEU B 20 -18.81 10.36 -2.61
C LEU B 20 -19.11 10.45 -4.11
N THR B 21 -18.69 11.57 -4.67
CA THR B 21 -18.86 11.89 -6.08
C THR B 21 -17.66 11.46 -6.89
N CYS B 22 -17.92 11.15 -8.16
CA CYS B 22 -16.88 10.79 -9.12
C CYS B 22 -17.16 11.65 -10.35
N THR B 23 -16.18 12.47 -10.71
CA THR B 23 -16.32 13.35 -11.86
C THR B 23 -15.43 12.87 -13.01
N VAL B 24 -15.99 12.87 -14.23
CA VAL B 24 -15.25 12.43 -15.40
C VAL B 24 -15.06 13.53 -16.41
N THR B 25 -13.87 13.64 -16.97
CA THR B 25 -13.60 14.65 -17.97
C THR B 25 -13.14 14.02 -19.29
N GLY B 26 -13.28 14.79 -20.37
CA GLY B 26 -12.88 14.33 -21.69
C GLY B 26 -13.99 13.64 -22.47
N TYR B 27 -14.86 12.92 -21.76
CA TYR B 27 -15.96 12.19 -22.35
C TYR B 27 -17.27 12.56 -21.68
N SER B 28 -18.39 12.27 -22.35
CA SER B 28 -19.72 12.57 -21.81
C SER B 28 -20.51 11.35 -21.31
N ILE B 29 -20.96 11.44 -20.06
CA ILE B 29 -21.72 10.37 -19.42
C ILE B 29 -22.84 9.78 -20.28
N SER B 30 -23.68 10.64 -20.81
CA SER B 30 -24.80 10.19 -21.64
C SER B 30 -24.33 9.82 -23.04
N SER B 31 -23.26 9.04 -23.14
CA SER B 31 -22.72 8.70 -24.45
C SER B 31 -22.31 7.25 -24.67
N ASP B 32 -22.23 6.46 -23.61
CA ASP B 32 -21.83 5.05 -23.71
C ASP B 32 -21.28 4.50 -22.40
N TYR B 33 -20.94 3.21 -22.42
CA TYR B 33 -20.39 2.54 -21.25
C TYR B 33 -21.29 2.68 -20.01
N ALA B 34 -20.99 1.87 -19.00
CA ALA B 34 -21.69 1.92 -17.72
C ALA B 34 -20.69 2.59 -16.77
N TRP B 35 -21.17 3.32 -15.78
CA TRP B 35 -20.28 4.00 -14.87
C TRP B 35 -20.46 3.44 -13.48
N ASN B 36 -19.60 2.48 -13.14
CA ASN B 36 -19.68 1.81 -11.86
C ASN B 36 -18.71 2.27 -10.77
N TRP B 37 -18.90 1.67 -9.58
CA TRP B 37 -18.10 1.95 -8.40
C TRP B 37 -17.53 0.63 -7.92
N ILE B 38 -16.32 0.66 -7.38
CA ILE B 38 -15.70 -0.55 -6.87
C ILE B 38 -14.80 -0.24 -5.67
N ARG B 39 -14.87 -1.07 -4.63
CA ARG B 39 -14.04 -0.85 -3.45
C ARG B 39 -13.08 -2.00 -3.22
N GLN B 40 -11.90 -1.69 -2.67
CA GLN B 40 -10.88 -2.69 -2.41
C GLN B 40 -10.41 -2.69 -0.96
N PHE B 41 -10.68 -3.81 -0.29
CA PHE B 41 -10.29 -4.00 1.11
C PHE B 41 -8.79 -4.34 1.12
N PRO B 42 -8.16 -4.39 2.31
CA PRO B 42 -6.73 -4.71 2.38
C PRO B 42 -6.32 -5.96 1.61
N GLY B 43 -5.86 -5.74 0.37
CA GLY B 43 -5.43 -6.82 -0.51
C GLY B 43 -6.48 -7.90 -0.62
N ASN B 44 -6.17 -8.92 -1.42
CA ASN B 44 -7.05 -10.07 -1.62
C ASN B 44 -8.57 -9.78 -1.71
N LYS B 45 -8.96 -8.51 -1.87
CA LYS B 45 -10.38 -8.22 -1.91
C LYS B 45 -10.80 -7.05 -2.78
N LEU B 46 -11.62 -7.35 -3.78
CA LEU B 46 -12.17 -6.37 -4.69
C LEU B 46 -13.63 -6.71 -4.82
N GLU B 47 -14.47 -5.68 -4.84
CA GLU B 47 -15.90 -5.91 -4.92
C GLU B 47 -16.64 -4.92 -5.80
N TRP B 48 -17.29 -5.44 -6.83
CA TRP B 48 -18.07 -4.59 -7.71
C TRP B 48 -19.34 -4.20 -6.92
N MET B 49 -19.57 -2.91 -6.80
CA MET B 49 -20.71 -2.44 -6.05
C MET B 49 -21.94 -2.28 -6.91
N GLY B 50 -21.79 -1.61 -8.05
CA GLY B 50 -22.91 -1.37 -8.94
C GLY B 50 -22.58 -0.33 -9.97
N TYR B 51 -23.44 -0.15 -10.99
CA TYR B 51 -23.19 0.85 -12.03
C TYR B 51 -24.35 1.76 -12.38
N ILE B 52 -24.15 2.56 -13.43
CA ILE B 52 -25.15 3.48 -13.94
C ILE B 52 -24.94 3.61 -15.45
N SER B 53 -25.87 3.06 -16.23
CA SER B 53 -25.78 3.10 -17.68
C SER B 53 -25.97 4.51 -18.21
N TYR B 54 -25.32 4.83 -19.33
CA TYR B 54 -25.43 6.14 -19.95
C TYR B 54 -26.93 6.40 -20.15
N SER B 55 -27.70 5.33 -20.16
CA SER B 55 -29.13 5.39 -20.35
C SER B 55 -29.73 5.97 -19.11
N GLY B 56 -29.04 5.79 -18.00
CA GLY B 56 -29.53 6.29 -16.73
C GLY B 56 -30.08 5.14 -15.90
N SER B 57 -29.94 3.93 -16.43
CA SER B 57 -30.42 2.74 -15.72
C SER B 57 -29.34 2.23 -14.76
N THR B 58 -29.73 1.60 -13.64
CA THR B 58 -28.74 1.10 -12.68
C THR B 58 -28.87 -0.34 -12.19
N SER B 59 -27.74 -0.95 -11.91
CA SER B 59 -27.68 -2.32 -11.42
C SER B 59 -26.70 -2.40 -10.25
N TYR B 60 -27.22 -2.82 -9.10
CA TYR B 60 -26.45 -2.91 -7.87
C TYR B 60 -26.03 -4.33 -7.50
N ASN B 61 -25.02 -4.43 -6.65
CA ASN B 61 -24.54 -5.73 -6.18
C ASN B 61 -25.58 -6.18 -5.17
N PRO B 62 -26.15 -7.39 -5.36
CA PRO B 62 -27.17 -7.90 -4.43
C PRO B 62 -26.78 -7.72 -2.96
N SER B 63 -25.48 -7.77 -2.69
CA SER B 63 -24.95 -7.61 -1.34
C SER B 63 -25.26 -6.26 -0.72
N LEU B 64 -24.99 -5.19 -1.47
CA LEU B 64 -25.22 -3.83 -0.98
C LEU B 64 -26.54 -3.25 -1.42
N LYS B 65 -27.44 -4.10 -1.93
CA LYS B 65 -28.75 -3.63 -2.35
C LYS B 65 -29.56 -3.30 -1.10
N SER B 66 -30.39 -2.26 -1.20
CA SER B 66 -31.22 -1.84 -0.08
C SER B 66 -30.42 -0.96 0.84
N ARG B 67 -29.17 -0.67 0.45
CA ARG B 67 -28.30 0.17 1.28
C ARG B 67 -27.37 1.04 0.43
N ILE B 68 -27.58 0.98 -0.89
CA ILE B 68 -26.77 1.74 -1.82
C ILE B 68 -27.68 2.43 -2.85
N SER B 69 -27.10 3.35 -3.63
CA SER B 69 -27.86 4.07 -4.66
C SER B 69 -26.88 4.88 -5.52
N ILE B 70 -27.06 4.84 -6.83
CA ILE B 70 -26.18 5.59 -7.75
C ILE B 70 -26.91 6.64 -8.59
N THR B 71 -26.58 7.92 -8.40
CA THR B 71 -27.20 8.97 -9.19
C THR B 71 -26.20 9.69 -10.08
N ARG B 72 -26.70 10.59 -10.91
CA ARG B 72 -25.85 11.34 -11.83
C ARG B 72 -26.38 12.74 -12.12
N ASP B 73 -25.59 13.49 -12.88
CA ASP B 73 -25.93 14.87 -13.25
C ASP B 73 -25.37 15.21 -14.62
N THR B 74 -26.02 14.72 -15.67
CA THR B 74 -25.60 14.95 -17.05
C THR B 74 -24.99 16.32 -17.34
N SER B 75 -25.47 17.33 -16.64
CA SER B 75 -25.01 18.69 -16.82
C SER B 75 -23.57 18.91 -16.35
N LYS B 76 -23.08 18.02 -15.50
CA LYS B 76 -21.74 18.17 -14.97
C LYS B 76 -20.91 16.90 -15.09
N ASN B 77 -21.27 16.03 -16.02
CA ASN B 77 -20.51 14.80 -16.22
C ASN B 77 -19.94 14.18 -14.94
N GLN B 78 -20.74 14.08 -13.89
CA GLN B 78 -20.26 13.47 -12.65
C GLN B 78 -21.35 12.58 -12.04
N PHE B 79 -20.97 11.37 -11.63
CA PHE B 79 -21.91 10.41 -11.04
C PHE B 79 -21.54 10.16 -9.59
N PHE B 80 -22.53 9.80 -8.78
CA PHE B 80 -22.32 9.62 -7.35
C PHE B 80 -22.64 8.27 -6.71
N LEU B 81 -22.15 8.08 -5.49
CA LEU B 81 -22.40 6.87 -4.73
C LEU B 81 -22.90 7.20 -3.33
N GLN B 82 -23.93 6.48 -2.92
CA GLN B 82 -24.55 6.64 -1.61
C GLN B 82 -24.65 5.27 -0.96
N LEU B 83 -24.00 5.15 0.19
CA LEU B 83 -23.95 3.92 0.97
C LEU B 83 -24.47 4.32 2.36
N SER B 84 -25.56 3.70 2.80
CA SER B 84 -26.12 4.01 4.12
C SER B 84 -25.96 2.82 5.06
N SER B 85 -26.10 3.06 6.37
CA SER B 85 -25.97 2.01 7.37
C SER B 85 -24.55 1.44 7.40
N VAL B 86 -23.57 2.32 7.21
CA VAL B 86 -22.15 2.00 7.19
C VAL B 86 -21.61 1.43 8.49
N THR B 87 -20.83 0.35 8.42
CA THR B 87 -20.24 -0.23 9.63
C THR B 87 -18.72 -0.09 9.58
N THR B 88 -17.98 -1.16 9.86
CA THR B 88 -16.55 -1.05 9.84
C THR B 88 -15.94 -1.75 8.63
N GLU B 89 -16.56 -2.85 8.23
CA GLU B 89 -16.07 -3.61 7.09
C GLU B 89 -16.12 -2.71 5.86
N ASP B 90 -16.88 -1.62 5.95
CA ASP B 90 -17.00 -0.66 4.85
C ASP B 90 -15.77 0.22 4.76
N THR B 91 -14.67 -0.23 5.35
CA THR B 91 -13.46 0.55 5.28
C THR B 91 -12.54 -0.07 4.24
N ALA B 92 -12.41 0.64 3.12
CA ALA B 92 -11.57 0.18 2.04
C ALA B 92 -11.32 1.39 1.15
N THR B 93 -10.59 1.17 0.07
CA THR B 93 -10.30 2.24 -0.86
C THR B 93 -11.42 2.21 -1.90
N TYR B 94 -11.85 3.39 -2.36
CA TYR B 94 -12.95 3.53 -3.33
C TYR B 94 -12.51 4.05 -4.70
N TYR B 95 -12.78 3.27 -5.74
CA TYR B 95 -12.46 3.62 -7.14
C TYR B 95 -13.69 3.60 -8.05
N CYS B 96 -13.78 4.53 -8.98
CA CYS B 96 -14.89 4.53 -9.94
C CYS B 96 -14.31 4.24 -11.33
N ALA B 97 -15.06 3.52 -12.16
CA ALA B 97 -14.58 3.16 -13.49
C ALA B 97 -15.57 3.29 -14.63
N ARG B 98 -15.05 3.16 -15.85
CA ARG B 98 -15.85 3.25 -17.06
C ARG B 98 -16.12 1.87 -17.66
N GLY B 99 -16.16 0.85 -16.81
CA GLY B 99 -16.42 -0.49 -17.32
C GLY B 99 -17.48 -0.43 -18.40
N TYR B 100 -17.09 -0.60 -19.65
CA TYR B 100 -18.00 -0.55 -20.79
C TYR B 100 -19.34 -1.23 -20.50
N TYR B 101 -20.43 -0.50 -20.70
CA TYR B 101 -21.75 -1.05 -20.45
C TYR B 101 -22.07 -2.16 -21.43
N GLY B 102 -23.00 -3.02 -21.03
CA GLY B 102 -23.40 -4.14 -21.87
C GLY B 102 -22.73 -5.42 -21.40
N SER B 103 -21.51 -5.27 -20.91
CA SER B 103 -20.73 -6.40 -20.42
C SER B 103 -19.31 -5.96 -20.00
N SER B 104 -18.47 -5.61 -20.98
CA SER B 104 -17.10 -5.17 -20.70
C SER B 104 -16.25 -5.08 -21.97
N HIS B 105 -15.30 -4.16 -22.02
CA HIS B 105 -14.40 -4.01 -23.16
C HIS B 105 -13.17 -3.13 -22.90
N SER B 106 -13.39 -1.85 -22.66
CA SER B 106 -12.28 -0.93 -22.39
C SER B 106 -12.54 0.00 -21.19
N PRO B 107 -12.18 -0.44 -19.97
CA PRO B 107 -12.35 0.28 -18.70
C PRO B 107 -11.36 1.41 -18.44
N VAL B 108 -11.71 2.29 -17.51
CA VAL B 108 -10.86 3.42 -17.12
C VAL B 108 -11.11 3.62 -15.62
N TRP B 109 -10.07 3.38 -14.82
CA TRP B 109 -10.17 3.51 -13.37
C TRP B 109 -9.75 4.83 -12.78
N GLY B 110 -10.50 5.29 -11.79
CA GLY B 110 -10.16 6.54 -11.14
C GLY B 110 -8.86 6.35 -10.41
N ALA B 111 -8.48 7.35 -9.62
CA ALA B 111 -7.23 7.23 -8.86
C ALA B 111 -7.54 6.36 -7.67
N GLY B 112 -8.50 6.83 -6.88
CA GLY B 112 -8.94 6.14 -5.70
C GLY B 112 -9.05 7.15 -4.59
N THR B 113 -9.64 6.74 -3.49
CA THR B 113 -9.77 7.59 -2.34
C THR B 113 -10.14 6.65 -1.24
N THR B 114 -9.35 6.61 -0.18
CA THR B 114 -9.68 5.69 0.88
C THR B 114 -10.73 6.26 1.81
N VAL B 115 -11.41 5.34 2.49
CA VAL B 115 -12.43 5.73 3.43
C VAL B 115 -12.40 4.75 4.58
N THR B 116 -12.11 5.27 5.76
CA THR B 116 -12.12 4.39 6.90
C THR B 116 -13.30 4.80 7.76
N VAL B 117 -13.98 3.82 8.32
CA VAL B 117 -15.12 4.08 9.17
C VAL B 117 -14.72 3.73 10.59
N SER B 118 -14.92 4.67 11.51
CA SER B 118 -14.57 4.48 12.90
C SER B 118 -15.17 5.54 13.80
N SER B 119 -14.91 5.40 15.10
CA SER B 119 -15.41 6.33 16.08
C SER B 119 -14.28 7.26 16.45
N ALA B 120 -13.06 6.74 16.36
CA ALA B 120 -11.83 7.47 16.65
C ALA B 120 -11.90 8.93 16.18
N LYS B 121 -11.46 9.86 17.02
CA LYS B 121 -11.49 11.26 16.64
C LYS B 121 -10.43 11.37 15.54
N THR B 122 -10.13 12.59 15.11
CA THR B 122 -9.09 12.79 14.09
C THR B 122 -7.90 13.48 14.76
N THR B 123 -6.87 12.72 15.11
CA THR B 123 -5.69 13.30 15.76
C THR B 123 -4.52 13.46 14.79
N PRO B 124 -3.73 14.54 14.96
CA PRO B 124 -2.57 14.84 14.13
C PRO B 124 -1.38 14.01 14.60
N PRO B 125 -0.24 14.13 13.92
CA PRO B 125 0.95 13.37 14.32
C PRO B 125 2.14 14.22 14.74
N PRO B 126 2.88 13.75 15.75
CA PRO B 126 4.06 14.47 16.22
C PRO B 126 5.24 13.77 15.57
N VAL B 127 6.06 14.52 14.86
CA VAL B 127 7.21 13.93 14.20
C VAL B 127 8.46 14.05 15.06
N TYR B 128 9.29 13.01 15.05
CA TYR B 128 10.53 13.03 15.82
C TYR B 128 11.72 12.66 14.98
N PRO B 129 12.81 13.43 15.10
CA PRO B 129 13.99 13.08 14.30
C PRO B 129 14.69 11.82 14.82
N LEU B 130 15.51 11.25 13.95
CA LEU B 130 16.29 10.05 14.23
C LEU B 130 17.76 10.23 13.88
N VAL B 131 18.46 11.03 14.69
CA VAL B 131 19.88 11.29 14.50
C VAL B 131 20.70 10.10 15.00
N PRO B 132 21.92 9.92 14.44
CA PRO B 132 22.85 8.85 14.77
C PRO B 132 23.60 8.91 16.11
N GLY B 133 24.84 9.41 16.07
CA GLY B 133 25.64 9.51 17.28
C GLY B 133 27.09 9.03 17.12
N SER B 134 27.88 9.80 16.37
CA SER B 134 29.31 9.55 16.09
C SER B 134 29.89 8.12 16.17
N LEU B 135 29.81 7.39 15.06
CA LEU B 135 30.30 6.03 14.99
C LEU B 135 31.21 5.79 13.78
N ALA B 136 31.15 4.58 13.22
CA ALA B 136 31.93 4.19 12.05
C ALA B 136 31.09 4.58 10.83
N GLN B 137 29.91 5.13 11.12
CA GLN B 137 28.97 5.60 10.12
C GLN B 137 29.36 7.04 9.79
N THR B 138 29.95 7.71 10.78
CA THR B 138 30.44 9.08 10.65
C THR B 138 31.71 8.94 9.79
N ASN B 139 31.63 8.01 8.85
CA ASN B 139 32.67 7.68 7.90
C ASN B 139 32.15 6.47 7.12
N SER B 140 31.58 6.74 5.94
CA SER B 140 31.04 5.72 5.05
C SER B 140 29.86 6.25 4.24
N MET B 141 28.75 6.40 4.95
CA MET B 141 27.49 6.88 4.39
C MET B 141 26.55 6.74 5.57
N VAL B 142 25.96 7.85 6.01
CA VAL B 142 25.05 7.83 7.17
C VAL B 142 23.58 7.63 6.84
N THR B 143 22.87 6.95 7.74
CA THR B 143 21.46 6.70 7.58
C THR B 143 20.71 7.51 8.62
N LEU B 144 19.79 8.34 8.15
CA LEU B 144 19.00 9.17 9.03
C LEU B 144 17.57 8.74 8.88
N GLY B 145 16.76 9.06 9.88
CA GLY B 145 15.37 8.69 9.84
C GLY B 145 14.46 9.79 10.30
N CYS B 146 13.20 9.45 10.52
CA CYS B 146 12.23 10.43 10.95
C CYS B 146 11.00 9.65 11.36
N LEU B 147 10.50 9.90 12.56
CA LEU B 147 9.36 9.14 13.07
C LEU B 147 8.06 9.87 13.32
N VAL B 148 7.02 9.39 12.64
CA VAL B 148 5.68 9.93 12.74
C VAL B 148 4.94 8.97 13.65
N LYS B 149 4.43 9.46 14.77
CA LYS B 149 3.76 8.54 15.67
C LYS B 149 2.50 9.09 16.32
N GLY B 150 1.38 8.37 16.15
CA GLY B 150 0.11 8.76 16.75
C GLY B 150 -0.76 9.77 16.02
N TYR B 151 -1.37 9.34 14.91
CA TYR B 151 -2.24 10.20 14.11
C TYR B 151 -3.42 9.39 13.59
N PHE B 152 -4.50 10.04 13.19
CA PHE B 152 -5.65 9.30 12.67
C PHE B 152 -6.53 10.11 11.74
N PRO B 153 -6.85 9.54 10.58
CA PRO B 153 -6.39 8.20 10.18
C PRO B 153 -5.41 8.32 9.02
N GLU B 154 -5.37 7.30 8.17
CA GLU B 154 -4.49 7.30 7.00
C GLU B 154 -5.12 8.21 5.98
N PRO B 155 -4.34 8.70 5.01
CA PRO B 155 -2.93 8.46 4.78
C PRO B 155 -2.01 9.50 5.42
N VAL B 156 -0.74 9.43 5.03
CA VAL B 156 0.31 10.33 5.51
C VAL B 156 1.37 10.41 4.43
N THR B 157 1.74 11.63 4.03
CA THR B 157 2.73 11.82 3.00
C THR B 157 4.03 12.39 3.55
N VAL B 158 5.12 11.65 3.36
CA VAL B 158 6.44 12.07 3.81
C VAL B 158 7.38 12.17 2.62
N THR B 159 8.25 13.17 2.65
CA THR B 159 9.21 13.37 1.58
C THR B 159 10.47 13.85 2.24
N TRP B 160 11.58 13.84 1.51
CA TRP B 160 12.83 14.30 2.10
C TRP B 160 13.41 15.53 1.41
N ASN B 161 13.50 16.61 2.17
CA ASN B 161 13.99 17.88 1.65
C ASN B 161 13.09 18.31 0.49
N SER B 162 11.82 18.43 0.82
CA SER B 162 10.77 18.82 -0.10
C SER B 162 10.87 18.14 -1.46
N GLY B 163 11.08 16.83 -1.44
CA GLY B 163 11.19 16.10 -2.69
C GLY B 163 12.63 16.02 -3.18
N SER B 164 13.38 17.12 -3.03
CA SER B 164 14.77 17.17 -3.44
C SER B 164 15.49 15.95 -2.87
N LEU B 165 15.82 15.02 -3.74
CA LEU B 165 16.51 13.77 -3.37
C LEU B 165 15.66 12.71 -2.66
N SER B 166 15.30 11.69 -3.44
CA SER B 166 14.49 10.57 -2.99
C SER B 166 15.29 9.29 -3.13
N SER B 167 16.33 9.32 -3.95
CA SER B 167 17.16 8.16 -4.14
C SER B 167 17.62 7.65 -2.76
N GLY B 168 17.30 6.39 -2.46
CA GLY B 168 17.69 5.81 -1.19
C GLY B 168 16.80 6.21 -0.03
N VAL B 169 15.51 5.98 -0.17
CA VAL B 169 14.55 6.32 0.86
C VAL B 169 13.57 5.18 0.98
N HIS B 170 13.27 4.76 2.21
CA HIS B 170 12.34 3.66 2.42
C HIS B 170 11.26 4.10 3.40
N THR B 171 10.05 4.33 2.92
CA THR B 171 9.00 4.71 3.86
C THR B 171 8.19 3.46 4.21
N PHE B 172 8.14 3.15 5.50
CA PHE B 172 7.46 1.96 5.97
C PHE B 172 5.97 2.14 6.29
N PRO B 173 5.14 1.15 5.91
CA PRO B 173 3.70 1.15 6.13
C PRO B 173 3.26 1.21 7.58
N ALA B 174 2.29 2.07 7.84
CA ALA B 174 1.73 2.30 9.17
C ALA B 174 1.13 1.09 9.85
N VAL B 175 1.17 1.10 11.18
CA VAL B 175 0.62 0.02 12.01
C VAL B 175 -0.15 0.66 13.18
N LEU B 176 -0.64 -0.14 14.12
CA LEU B 176 -1.37 0.42 15.27
C LEU B 176 -1.54 -0.52 16.47
N GLN B 177 -1.10 -0.04 17.64
CA GLN B 177 -1.18 -0.79 18.90
C GLN B 177 -2.54 -0.60 19.58
N SER B 178 -3.09 0.60 19.42
CA SER B 178 -4.40 0.92 19.97
C SER B 178 -5.15 1.39 18.75
N ASP B 179 -5.67 2.61 18.80
CA ASP B 179 -6.38 3.16 17.65
C ASP B 179 -5.65 4.39 17.14
N LEU B 180 -4.33 4.24 17.05
CA LEU B 180 -3.43 5.27 16.57
C LEU B 180 -2.38 4.66 15.65
N TYR B 181 -2.08 5.37 14.56
CA TYR B 181 -1.13 4.93 13.57
C TYR B 181 0.24 5.55 13.75
N THR B 182 1.25 4.71 13.60
CA THR B 182 2.66 5.08 13.71
C THR B 182 3.33 4.60 12.44
N LEU B 183 4.29 5.35 11.94
CA LEU B 183 4.99 4.99 10.72
C LEU B 183 6.36 5.62 10.73
N SER B 184 7.29 5.06 9.97
CA SER B 184 8.63 5.63 9.94
C SER B 184 9.19 5.68 8.53
N SER B 185 10.12 6.62 8.32
CA SER B 185 10.78 6.77 7.03
C SER B 185 12.27 6.96 7.24
N SER B 186 13.06 6.27 6.42
CA SER B 186 14.51 6.39 6.52
C SER B 186 15.13 6.96 5.23
N VAL B 187 16.30 7.56 5.37
CA VAL B 187 17.02 8.14 4.23
C VAL B 187 18.52 7.94 4.47
N THR B 188 19.16 7.24 3.56
CA THR B 188 20.59 6.98 3.67
C THR B 188 21.31 8.02 2.85
N VAL B 189 21.94 8.96 3.53
CA VAL B 189 22.66 9.99 2.82
C VAL B 189 24.16 9.96 3.06
N PRO B 190 24.93 10.16 1.98
CA PRO B 190 26.39 10.17 1.97
C PRO B 190 26.97 10.85 3.21
N SER B 191 27.90 10.15 3.86
CA SER B 191 28.55 10.65 5.04
C SER B 191 29.26 12.01 4.88
N SER B 192 30.05 12.14 3.83
CA SER B 192 30.79 13.38 3.62
C SER B 192 29.91 14.62 3.48
N THR B 193 28.59 14.45 3.55
CA THR B 193 27.68 15.60 3.41
C THR B 193 26.68 15.83 4.54
N TRP B 194 26.51 14.84 5.41
CA TRP B 194 25.55 14.95 6.50
C TRP B 194 25.59 16.27 7.30
N PRO B 195 26.34 16.32 8.42
CA PRO B 195 26.35 17.57 9.17
C PRO B 195 26.14 18.85 8.35
N SER B 196 27.10 19.16 7.49
CA SER B 196 27.07 20.36 6.65
C SER B 196 25.77 20.61 5.92
N GLU B 197 25.42 19.72 5.01
CA GLU B 197 24.18 19.90 4.27
C GLU B 197 23.08 19.39 5.19
N THR B 198 22.14 20.27 5.53
CA THR B 198 21.04 19.89 6.43
C THR B 198 20.03 18.99 5.74
N VAL B 199 19.38 18.14 6.54
CA VAL B 199 18.38 17.23 6.00
C VAL B 199 17.08 17.49 6.71
N THR B 200 16.01 17.64 5.94
CA THR B 200 14.69 17.93 6.49
C THR B 200 13.61 16.91 6.16
N CYS B 201 12.89 16.53 7.20
CA CYS B 201 11.80 15.57 7.12
C CYS B 201 10.49 16.29 6.79
N ASN B 202 9.73 15.75 5.86
CA ASN B 202 8.48 16.38 5.45
C ASN B 202 7.26 15.47 5.60
N VAL B 203 6.30 15.90 6.41
CA VAL B 203 5.10 15.12 6.68
C VAL B 203 3.81 15.94 6.66
N ALA B 204 2.80 15.41 5.98
CA ALA B 204 1.50 16.07 5.87
C ALA B 204 0.32 15.13 6.11
N HIS B 205 -0.52 15.48 7.08
CA HIS B 205 -1.70 14.68 7.43
C HIS B 205 -2.90 15.46 6.97
N PRO B 206 -3.28 15.29 5.69
CA PRO B 206 -4.42 15.95 5.03
C PRO B 206 -5.65 16.09 5.93
N ALA B 207 -6.07 14.95 6.47
CA ALA B 207 -7.22 14.87 7.35
C ALA B 207 -7.25 16.00 8.39
N SER B 208 -6.09 16.35 8.91
CA SER B 208 -6.01 17.42 9.91
C SER B 208 -5.37 18.62 9.25
N SER B 209 -5.23 18.57 7.94
CA SER B 209 -4.60 19.65 7.22
C SER B 209 -3.29 20.04 7.92
N THR B 210 -2.53 19.04 8.34
CA THR B 210 -1.27 19.28 9.00
C THR B 210 -0.12 19.22 7.99
N LYS B 211 0.93 19.96 8.28
CA LYS B 211 2.13 20.04 7.46
C LYS B 211 3.29 20.32 8.40
N VAL B 212 4.31 19.47 8.35
CA VAL B 212 5.46 19.64 9.22
C VAL B 212 6.78 19.26 8.57
N ASP B 213 7.78 20.11 8.73
CA ASP B 213 9.11 19.80 8.21
C ASP B 213 9.95 19.71 9.45
N LYS B 214 10.91 18.79 9.45
CA LYS B 214 11.77 18.64 10.61
C LYS B 214 13.20 18.41 10.20
N LYS B 215 14.00 19.44 10.44
CA LYS B 215 15.40 19.42 10.14
C LYS B 215 16.01 18.40 11.06
N ILE B 216 17.20 17.94 10.74
CA ILE B 216 17.86 16.95 11.55
C ILE B 216 19.32 17.33 11.80
N GLU B 217 19.77 17.17 13.05
CA GLU B 217 21.18 17.45 13.43
C GLU B 217 21.67 16.65 14.65
N PRO B 218 22.98 16.35 14.69
CA PRO B 218 23.74 15.59 15.70
C PRO B 218 23.15 15.57 17.11
#